data_3W24
#
_entry.id   3W24
#
_cell.length_a   76.944
_cell.length_b   118.781
_cell.length_c   45.290
_cell.angle_alpha   90.00
_cell.angle_beta   90.00
_cell.angle_gamma   90.00
#
_symmetry.space_group_name_H-M   'P 21 21 2'
#
loop_
_entity.id
_entity.type
_entity.pdbx_description
1 polymer 'Glycoside hydrolase family 10'
2 water water
#
_entity_poly.entity_id   1
_entity_poly.type   'polypeptide(L)'
_entity_poly.pdbx_seq_one_letter_code
;TIQNDIPDLYSVFKDYFPIGVAVDPSRLNDADPHAQLTAKHFNMLVAENAMKPESLQPTEGNFTFDNADKIVDYAIAHNM
KMRGHTLLWHNQVPDWFFQDPSDPSKPASRDLLLQRLRTHITTVLDHFKTKYGSQNPIIGWDVVNEVLDDNGNLRNSKWL
QIIGPDYIEKAFEYAHEADPSMKLFINDYNIENNGVKTQAMYDLVKKLKNEGVPINGIGMQMHISINSNIDNIKASIEKL
ASLGVEIQVTELDMNMNGDVSNDALLKQARLYKQLFDLFKAEKQYITAVVFWGVSDDVSWLSKPNAPLLFDSKLQAKPAY
WAIVDLGKAIPDIQSA
;
_entity_poly.pdbx_strand_id   A
#
# COMPACT_ATOMS: atom_id res chain seq x y z
N THR A 1 22.93 15.08 3.62
CA THR A 1 23.39 14.48 2.31
C THR A 1 23.40 12.93 2.29
N ILE A 2 23.12 12.38 1.12
CA ILE A 2 23.08 10.92 1.00
C ILE A 2 24.40 10.32 0.51
N GLN A 3 24.49 9.02 0.63
CA GLN A 3 25.67 8.26 0.13
C GLN A 3 25.38 7.93 -1.34
N ASN A 4 26.03 8.64 -2.27
CA ASN A 4 25.78 8.45 -3.66
C ASN A 4 26.38 7.23 -4.30
N ASP A 5 27.40 6.64 -3.70
CA ASP A 5 28.07 5.52 -4.36
C ASP A 5 27.82 4.11 -3.88
N ILE A 6 26.99 3.93 -2.84
CA ILE A 6 26.66 2.62 -2.37
C ILE A 6 25.66 1.99 -3.37
N PRO A 7 25.47 0.69 -3.29
CA PRO A 7 24.55 0.01 -4.23
C PRO A 7 23.09 0.54 -4.26
N ASP A 8 22.55 0.62 -5.45
CA ASP A 8 21.12 1.05 -5.61
C ASP A 8 20.32 -0.13 -5.07
N LEU A 9 19.50 0.11 -4.03
CA LEU A 9 18.74 -0.97 -3.45
C LEU A 9 17.91 -1.82 -4.45
N TYR A 10 17.11 -1.19 -5.30
CA TYR A 10 16.26 -2.01 -6.14
C TYR A 10 17.05 -2.92 -7.08
N SER A 11 18.26 -2.52 -7.48
CA SER A 11 19.03 -3.38 -8.40
C SER A 11 19.43 -4.69 -7.81
N VAL A 12 19.55 -4.76 -6.49
CA VAL A 12 19.85 -6.01 -5.82
C VAL A 12 18.73 -7.02 -6.07
N PHE A 13 17.50 -6.53 -6.35
CA PHE A 13 16.38 -7.40 -6.54
C PHE A 13 15.83 -7.40 -7.95
N LYS A 14 16.66 -6.97 -8.90
CA LYS A 14 16.19 -6.90 -10.28
C LYS A 14 15.68 -8.23 -10.83
N ASP A 15 16.20 -9.34 -10.35
CA ASP A 15 15.71 -10.65 -10.86
C ASP A 15 14.61 -11.25 -10.02
N TYR A 16 14.05 -10.41 -9.14
CA TYR A 16 13.00 -10.85 -8.25
C TYR A 16 11.73 -10.02 -8.34
N PHE A 17 11.81 -8.71 -8.03
CA PHE A 17 10.60 -7.89 -8.05
C PHE A 17 11.02 -6.48 -7.83
N PRO A 18 10.18 -5.50 -8.20
CA PRO A 18 10.48 -4.08 -7.95
C PRO A 18 10.47 -3.79 -6.45
N ILE A 19 11.29 -2.80 -6.09
CA ILE A 19 11.38 -2.34 -4.68
C ILE A 19 10.95 -0.88 -4.73
N GLY A 20 9.84 -0.65 -4.01
CA GLY A 20 9.25 0.72 -4.01
C GLY A 20 9.27 1.40 -2.67
N VAL A 21 8.76 2.62 -2.73
CA VAL A 21 8.70 3.43 -1.51
C VAL A 21 7.49 4.39 -1.58
N ALA A 22 6.89 4.64 -0.41
CA ALA A 22 5.83 5.60 -0.29
C ALA A 22 6.40 6.99 -0.11
N VAL A 23 5.85 7.97 -0.82
CA VAL A 23 6.40 9.33 -0.78
C VAL A 23 5.35 10.38 -0.57
N ASP A 24 5.85 11.56 -0.12
CA ASP A 24 5.09 12.79 0.13
C ASP A 24 5.40 13.69 -1.06
N PRO A 25 4.39 14.34 -1.68
CA PRO A 25 4.57 15.22 -2.86
C PRO A 25 5.51 16.38 -2.58
N SER A 26 5.70 16.76 -1.33
CA SER A 26 6.59 17.89 -1.00
C SER A 26 8.06 17.46 -0.88
N ARG A 27 8.37 16.20 -1.07
CA ARG A 27 9.75 15.70 -0.91
C ARG A 27 10.28 15.13 -2.20
N LEU A 28 9.96 15.76 -3.32
CA LEU A 28 10.36 15.28 -4.64
C LEU A 28 11.24 16.30 -5.42
N ASN A 29 11.57 17.40 -4.81
CA ASN A 29 12.39 18.40 -5.54
C ASN A 29 13.85 17.97 -5.54
N ASP A 30 14.58 18.36 -6.60
CA ASP A 30 15.98 17.97 -6.76
C ASP A 30 16.90 18.23 -5.57
N ALA A 31 16.71 19.35 -4.90
CA ALA A 31 17.55 19.73 -3.77
C ALA A 31 17.24 18.97 -2.48
N ASP A 32 16.09 18.31 -2.43
CA ASP A 32 15.70 17.55 -1.25
C ASP A 32 16.45 16.18 -1.21
N PRO A 33 17.27 15.95 -0.16
CA PRO A 33 18.00 14.72 -0.08
C PRO A 33 17.05 13.50 -0.04
N HIS A 34 15.80 13.71 0.47
CA HIS A 34 14.84 12.56 0.45
C HIS A 34 14.51 12.19 -0.99
N ALA A 35 14.41 13.15 -1.88
CA ALA A 35 14.15 12.87 -3.27
C ALA A 35 15.36 12.15 -3.88
N GLN A 36 16.57 12.53 -3.44
CA GLN A 36 17.73 11.88 -4.01
C GLN A 36 17.77 10.40 -3.60
N LEU A 37 17.34 10.09 -2.36
CA LEU A 37 17.31 8.73 -1.93
C LEU A 37 16.26 7.93 -2.70
N THR A 38 15.13 8.59 -2.94
CA THR A 38 14.00 8.00 -3.66
C THR A 38 14.45 7.55 -5.08
N ALA A 39 15.06 8.49 -5.80
CA ALA A 39 15.49 8.21 -7.16
C ALA A 39 16.61 7.15 -7.24
N LYS A 40 17.49 7.18 -6.24
CA LYS A 40 18.58 6.22 -6.27
C LYS A 40 18.21 4.76 -5.99
N HIS A 41 17.39 4.54 -4.94
CA HIS A 41 17.15 3.23 -4.44
C HIS A 41 15.89 2.48 -4.84
N PHE A 42 14.96 3.18 -5.46
CA PHE A 42 13.65 2.58 -5.73
C PHE A 42 13.27 2.66 -7.18
N ASN A 43 12.58 1.64 -7.65
CA ASN A 43 12.07 1.69 -9.02
C ASN A 43 10.52 1.56 -9.05
N MET A 44 9.90 1.89 -7.91
CA MET A 44 8.44 1.87 -7.79
C MET A 44 8.11 2.88 -6.73
N LEU A 45 7.01 3.63 -6.91
CA LEU A 45 6.55 4.60 -5.96
C LEU A 45 5.06 4.40 -5.62
N VAL A 46 4.73 4.86 -4.44
CA VAL A 46 3.33 4.84 -4.00
C VAL A 46 3.11 6.18 -3.32
N ALA A 47 1.91 6.77 -3.44
CA ALA A 47 1.62 7.98 -2.68
C ALA A 47 1.24 7.58 -1.26
N GLU A 48 1.99 8.11 -0.28
CA GLU A 48 1.70 7.74 1.12
C GLU A 48 0.30 8.25 1.51
N ASN A 49 -0.09 9.39 0.96
CA ASN A 49 -1.41 10.00 1.28
C ASN A 49 -2.14 10.64 0.12
N ALA A 50 -1.46 11.07 -0.95
CA ALA A 50 -2.09 11.91 -1.94
C ALA A 50 -3.10 11.23 -2.84
N MET A 51 -3.26 9.91 -2.77
CA MET A 51 -4.27 9.26 -3.53
C MET A 51 -5.36 8.58 -2.67
N LYS A 52 -5.36 8.90 -1.38
CA LYS A 52 -6.45 8.46 -0.52
C LYS A 52 -7.71 9.20 -0.85
N PRO A 53 -8.90 8.72 -0.40
CA PRO A 53 -10.15 9.36 -0.80
C PRO A 53 -10.21 10.83 -0.46
N GLU A 54 -9.84 11.23 0.77
CA GLU A 54 -9.94 12.65 1.14
C GLU A 54 -9.01 13.53 0.35
N SER A 55 -7.93 12.92 -0.15
CA SER A 55 -6.89 13.69 -0.88
C SER A 55 -7.31 13.84 -2.33
N LEU A 56 -8.26 13.15 -2.85
CA LEU A 56 -8.76 13.24 -4.21
C LEU A 56 -10.17 13.82 -4.43
N GLN A 57 -11.06 13.65 -3.47
CA GLN A 57 -12.42 14.21 -3.58
C GLN A 57 -12.90 14.73 -2.19
N PRO A 58 -12.34 15.89 -1.78
CA PRO A 58 -12.65 16.38 -0.45
C PRO A 58 -14.09 16.77 -0.25
N THR A 59 -14.71 17.29 -1.28
CA THR A 59 -16.15 17.59 -1.24
C THR A 59 -16.71 17.00 -2.50
N GLU A 60 -18.03 16.74 -2.56
CA GLU A 60 -18.58 15.99 -3.70
C GLU A 60 -18.43 16.69 -5.04
N GLY A 61 -17.79 16.01 -5.97
CA GLY A 61 -17.56 16.57 -7.32
C GLY A 61 -16.37 17.43 -7.40
N ASN A 62 -15.67 17.71 -6.29
CA ASN A 62 -14.54 18.61 -6.30
C ASN A 62 -13.29 17.73 -6.17
N PHE A 63 -12.71 17.42 -7.33
CA PHE A 63 -11.56 16.49 -7.35
C PHE A 63 -10.27 17.25 -7.31
N THR A 64 -9.32 16.77 -6.53
CA THR A 64 -8.05 17.45 -6.27
C THR A 64 -6.89 16.54 -6.59
N PHE A 65 -6.52 16.50 -7.86
CA PHE A 65 -5.46 15.57 -8.31
C PHE A 65 -4.08 16.20 -8.40
N ASP A 66 -3.91 17.45 -8.03
CA ASP A 66 -2.57 18.03 -8.25
C ASP A 66 -1.43 17.30 -7.52
N ASN A 67 -1.61 16.98 -6.25
CA ASN A 67 -0.51 16.33 -5.54
C ASN A 67 -0.27 14.93 -6.10
N ALA A 68 -1.33 14.17 -6.38
CA ALA A 68 -1.16 12.83 -6.94
C ALA A 68 -0.43 12.95 -8.31
N ASP A 69 -0.80 13.92 -9.12
CA ASP A 69 -0.19 14.10 -10.46
C ASP A 69 1.31 14.51 -10.31
N LYS A 70 1.67 15.25 -9.27
CA LYS A 70 3.08 15.60 -9.06
C LYS A 70 3.85 14.34 -8.82
N ILE A 71 3.30 13.35 -8.07
CA ILE A 71 4.00 12.08 -7.81
C ILE A 71 4.06 11.28 -9.08
N VAL A 72 2.97 11.19 -9.85
CA VAL A 72 2.97 10.47 -11.08
C VAL A 72 4.01 11.07 -12.03
N ASP A 73 4.02 12.38 -12.17
CA ASP A 73 5.02 13.00 -13.09
C ASP A 73 6.40 12.62 -12.67
N TYR A 74 6.74 12.62 -11.38
CA TYR A 74 8.06 12.25 -10.92
C TYR A 74 8.34 10.83 -11.24
N ALA A 75 7.38 9.93 -11.07
CA ALA A 75 7.60 8.52 -11.38
C ALA A 75 7.93 8.37 -12.86
N ILE A 76 7.20 9.07 -13.69
CA ILE A 76 7.42 8.93 -15.17
C ILE A 76 8.84 9.46 -15.45
N ALA A 77 9.20 10.56 -14.84
CA ALA A 77 10.54 11.17 -15.11
C ALA A 77 11.67 10.28 -14.64
N HIS A 78 11.49 9.38 -13.74
CA HIS A 78 12.48 8.47 -13.16
C HIS A 78 12.28 7.00 -13.51
N ASN A 79 11.48 6.74 -14.51
CA ASN A 79 11.19 5.44 -14.97
C ASN A 79 10.83 4.42 -13.86
N MET A 80 9.91 4.87 -13.06
CA MET A 80 9.32 4.10 -11.95
C MET A 80 7.91 3.67 -12.21
N LYS A 81 7.65 2.46 -11.78
CA LYS A 81 6.28 1.97 -11.79
C LYS A 81 5.60 2.54 -10.49
N MET A 82 4.25 2.46 -10.44
CA MET A 82 3.52 2.90 -9.23
C MET A 82 2.43 1.94 -8.84
N ARG A 83 2.13 1.96 -7.56
CA ARG A 83 0.86 1.33 -7.06
C ARG A 83 -0.06 2.50 -6.71
N GLY A 84 -1.36 2.30 -6.91
CA GLY A 84 -2.39 3.28 -6.57
C GLY A 84 -2.91 2.94 -5.18
N HIS A 85 -2.80 3.88 -4.28
CA HIS A 85 -3.30 3.68 -2.90
C HIS A 85 -4.19 4.88 -2.44
N THR A 86 -5.44 4.73 -2.19
CA THR A 86 -6.29 3.53 -2.27
C THR A 86 -7.75 4.08 -2.60
N LEU A 87 -8.55 3.28 -3.21
CA LEU A 87 -9.86 3.73 -3.69
C LEU A 87 -10.92 3.77 -2.59
N LEU A 88 -10.76 2.91 -1.56
CA LEU A 88 -11.71 2.81 -0.49
C LEU A 88 -11.00 2.52 0.81
N TRP A 89 -11.38 3.25 1.84
CA TRP A 89 -10.86 3.03 3.20
C TRP A 89 -11.87 3.63 4.18
N HIS A 90 -11.77 3.27 5.44
CA HIS A 90 -12.65 3.85 6.47
C HIS A 90 -11.94 5.01 7.16
N ASN A 91 -10.66 5.24 6.91
CA ASN A 91 -9.97 6.41 7.38
C ASN A 91 -9.56 7.28 6.18
N GLN A 92 -9.25 8.52 6.43
CA GLN A 92 -8.89 9.50 5.37
C GLN A 92 -9.91 9.48 4.20
N VAL A 93 -11.18 9.52 4.62
CA VAL A 93 -12.32 9.47 3.74
C VAL A 93 -13.27 10.55 4.21
N PRO A 94 -13.71 11.43 3.34
CA PRO A 94 -14.62 12.49 3.80
C PRO A 94 -15.99 12.00 4.23
N ASP A 95 -16.50 12.72 5.23
CA ASP A 95 -17.82 12.39 5.77
C ASP A 95 -18.93 12.52 4.76
N TRP A 96 -18.79 13.42 3.75
CA TRP A 96 -19.91 13.64 2.83
C TRP A 96 -20.34 12.36 2.14
N PHE A 97 -19.38 11.39 1.93
CA PHE A 97 -19.79 10.14 1.25
C PHE A 97 -20.98 9.47 1.94
N PHE A 98 -20.96 9.53 3.25
CA PHE A 98 -21.87 8.71 4.06
C PHE A 98 -23.11 9.46 4.53
N GLN A 99 -23.25 10.73 4.12
CA GLN A 99 -24.41 11.54 4.56
C GLN A 99 -25.41 11.70 3.46
N ASP A 100 -26.70 11.75 3.87
CA ASP A 100 -27.77 12.09 2.95
C ASP A 100 -27.54 13.64 2.70
N PRO A 101 -27.36 14.06 1.46
CA PRO A 101 -27.08 15.49 1.24
C PRO A 101 -28.24 16.43 1.51
N SER A 102 -29.47 15.92 1.48
CA SER A 102 -30.62 16.79 1.80
C SER A 102 -30.91 16.79 3.32
N ASP A 103 -30.32 15.88 4.07
CA ASP A 103 -30.47 15.82 5.54
C ASP A 103 -29.18 15.20 6.05
N PRO A 104 -28.14 15.95 6.25
CA PRO A 104 -26.85 15.43 6.71
C PRO A 104 -26.76 14.82 8.08
N SER A 105 -27.89 14.82 8.73
CA SER A 105 -28.05 14.18 10.05
C SER A 105 -28.39 12.67 9.87
N LYS A 106 -28.69 12.35 8.66
CA LYS A 106 -29.10 10.96 8.32
C LYS A 106 -28.04 10.39 7.36
N PRO A 107 -27.93 9.04 7.31
CA PRO A 107 -26.96 8.38 6.41
C PRO A 107 -27.47 8.31 5.02
N ALA A 108 -26.51 8.26 4.05
CA ALA A 108 -26.80 7.98 2.68
C ALA A 108 -27.38 6.55 2.58
N SER A 109 -28.20 6.28 1.58
CA SER A 109 -28.77 4.93 1.29
C SER A 109 -27.68 4.05 0.65
N ARG A 110 -27.96 2.76 0.59
CA ARG A 110 -27.06 1.83 -0.10
C ARG A 110 -26.89 2.24 -1.54
N ASP A 111 -27.98 2.60 -2.26
CA ASP A 111 -27.79 2.96 -3.66
C ASP A 111 -27.01 4.24 -3.81
N LEU A 112 -27.25 5.19 -2.90
CA LEU A 112 -26.47 6.48 -3.08
C LEU A 112 -25.03 6.26 -2.75
N LEU A 113 -24.72 5.50 -1.70
CA LEU A 113 -23.29 5.31 -1.40
C LEU A 113 -22.60 4.45 -2.46
N LEU A 114 -23.30 3.45 -3.03
CA LEU A 114 -22.71 2.69 -4.16
C LEU A 114 -22.50 3.58 -5.34
N GLN A 115 -23.45 4.51 -5.64
CA GLN A 115 -23.23 5.38 -6.81
C GLN A 115 -22.04 6.29 -6.53
N ARG A 116 -21.92 6.81 -5.32
CA ARG A 116 -20.77 7.68 -5.01
C ARG A 116 -19.48 6.89 -5.12
N LEU A 117 -19.48 5.63 -4.70
CA LEU A 117 -18.27 4.80 -4.81
C LEU A 117 -17.93 4.53 -6.28
N ARG A 118 -18.90 4.28 -7.10
CA ARG A 118 -18.68 4.02 -8.50
C ARG A 118 -18.10 5.32 -9.19
N THR A 119 -18.74 6.45 -8.85
CA THR A 119 -18.25 7.71 -9.46
C THR A 119 -16.83 8.00 -8.98
N HIS A 120 -16.49 7.81 -7.71
CA HIS A 120 -15.19 8.13 -7.23
C HIS A 120 -14.17 7.20 -7.95
N ILE A 121 -14.42 5.89 -7.93
CA ILE A 121 -13.47 4.95 -8.53
C ILE A 121 -13.32 5.23 -10.04
N THR A 122 -14.45 5.46 -10.71
CA THR A 122 -14.39 5.64 -12.15
C THR A 122 -13.67 6.94 -12.50
N THR A 123 -13.92 7.99 -11.75
CA THR A 123 -13.26 9.29 -12.02
C THR A 123 -11.79 9.17 -11.75
N VAL A 124 -11.39 8.53 -10.65
CA VAL A 124 -9.97 8.41 -10.34
C VAL A 124 -9.23 7.61 -11.38
N LEU A 125 -9.73 6.45 -11.76
CA LEU A 125 -9.06 5.64 -12.79
C LEU A 125 -9.10 6.34 -14.15
N ASP A 126 -10.21 6.94 -14.47
CA ASP A 126 -10.29 7.65 -15.79
C ASP A 126 -9.38 8.86 -15.79
N HIS A 127 -9.12 9.55 -14.68
CA HIS A 127 -8.23 10.68 -14.64
C HIS A 127 -6.83 10.20 -15.06
N PHE A 128 -6.32 9.10 -14.46
CA PHE A 128 -4.93 8.76 -14.77
C PHE A 128 -4.88 8.18 -16.19
N LYS A 129 -5.91 7.49 -16.64
CA LYS A 129 -5.87 6.91 -18.00
C LYS A 129 -5.96 8.03 -19.01
N THR A 130 -6.84 8.98 -18.87
CA THR A 130 -6.95 10.03 -19.87
C THR A 130 -5.83 11.02 -19.80
N LYS A 131 -5.27 11.32 -18.64
CA LYS A 131 -4.20 12.32 -18.58
C LYS A 131 -2.85 11.72 -19.00
N TYR A 132 -2.58 10.49 -18.67
CA TYR A 132 -1.26 9.87 -18.90
C TYR A 132 -1.28 8.82 -19.97
N GLY A 133 -2.41 8.26 -20.32
CA GLY A 133 -2.46 7.23 -21.40
C GLY A 133 -1.46 6.14 -21.17
N SER A 134 -0.70 5.83 -22.23
CA SER A 134 0.27 4.74 -22.18
C SER A 134 1.42 4.96 -21.22
N GLN A 135 1.61 6.19 -20.80
CA GLN A 135 2.65 6.55 -19.87
C GLN A 135 2.20 6.42 -18.40
N ASN A 136 0.93 6.14 -18.18
CA ASN A 136 0.46 5.98 -16.76
C ASN A 136 1.37 4.94 -16.10
N PRO A 137 2.11 5.33 -15.05
CA PRO A 137 2.97 4.36 -14.38
C PRO A 137 2.28 3.40 -13.43
N ILE A 138 1.04 3.74 -13.07
CA ILE A 138 0.30 2.91 -12.09
C ILE A 138 -0.03 1.54 -12.68
N ILE A 139 0.40 0.51 -12.04
CA ILE A 139 0.16 -0.86 -12.56
C ILE A 139 -0.99 -1.53 -11.94
N GLY A 140 -1.39 -0.97 -10.76
CA GLY A 140 -2.50 -1.58 -10.02
C GLY A 140 -2.86 -0.73 -8.88
N TRP A 141 -4.03 -1.05 -8.32
CA TRP A 141 -4.59 -0.29 -7.18
C TRP A 141 -4.97 -1.21 -6.03
N ASP A 142 -4.87 -0.63 -4.84
CA ASP A 142 -5.46 -1.16 -3.59
C ASP A 142 -6.91 -0.67 -3.72
N VAL A 143 -7.78 -1.53 -4.16
CA VAL A 143 -9.18 -1.17 -4.38
C VAL A 143 -9.86 -0.97 -3.06
N VAL A 144 -9.63 -1.88 -2.13
CA VAL A 144 -10.14 -1.69 -0.76
C VAL A 144 -8.96 -1.89 0.19
N ASN A 145 -9.03 -1.16 1.27
CA ASN A 145 -8.00 -1.17 2.28
C ASN A 145 -8.59 -1.44 3.67
N GLU A 146 -8.00 -2.39 4.36
CA GLU A 146 -8.34 -2.67 5.78
C GLU A 146 -9.78 -2.96 6.03
N VAL A 147 -10.36 -3.84 5.24
CA VAL A 147 -11.80 -4.17 5.38
C VAL A 147 -12.08 -5.25 6.42
N LEU A 148 -11.05 -5.87 6.99
CA LEU A 148 -11.23 -6.86 8.06
C LEU A 148 -10.96 -6.21 9.39
N ASP A 149 -11.65 -6.66 10.42
CA ASP A 149 -11.29 -6.18 11.77
C ASP A 149 -10.26 -7.10 12.38
N ASP A 150 -9.84 -6.74 13.61
CA ASP A 150 -8.84 -7.50 14.35
C ASP A 150 -9.17 -8.98 14.57
N ASN A 151 -10.45 -9.28 14.70
CA ASN A 151 -10.95 -10.65 14.93
C ASN A 151 -11.25 -11.39 13.67
N GLY A 152 -10.99 -10.76 12.53
CA GLY A 152 -11.28 -11.46 11.29
C GLY A 152 -12.68 -11.27 10.77
N ASN A 153 -13.55 -10.58 11.48
CA ASN A 153 -14.87 -10.34 10.89
C ASN A 153 -14.73 -9.13 9.96
N LEU A 154 -15.72 -8.87 9.13
CA LEU A 154 -15.66 -7.63 8.32
C LEU A 154 -15.72 -6.41 9.25
N ARG A 155 -14.84 -5.45 9.02
CA ARG A 155 -14.83 -4.23 9.80
C ARG A 155 -16.14 -3.48 9.60
N ASN A 156 -16.71 -3.07 10.71
CA ASN A 156 -18.03 -2.40 10.67
C ASN A 156 -17.91 -0.91 10.45
N SER A 157 -17.37 -0.58 9.30
CA SER A 157 -17.21 0.84 8.93
C SER A 157 -18.54 1.30 8.35
N LYS A 158 -18.59 2.58 8.01
CA LYS A 158 -19.81 3.08 7.43
C LYS A 158 -20.11 2.42 6.13
N TRP A 159 -19.08 1.99 5.35
CA TRP A 159 -19.38 1.28 4.12
C TRP A 159 -20.20 -0.01 4.45
N LEU A 160 -19.71 -0.79 5.43
CA LEU A 160 -20.45 -2.02 5.75
C LEU A 160 -21.82 -1.71 6.30
N GLN A 161 -21.93 -0.70 7.13
CA GLN A 161 -23.20 -0.38 7.81
C GLN A 161 -24.25 0.02 6.83
N ILE A 162 -23.87 0.86 5.83
CA ILE A 162 -24.87 1.36 4.89
C ILE A 162 -25.19 0.44 3.78
N ILE A 163 -24.13 -0.22 3.19
CA ILE A 163 -24.34 -1.06 1.98
C ILE A 163 -24.57 -2.52 2.34
N GLY A 164 -23.80 -3.05 3.28
CA GLY A 164 -23.75 -4.49 3.55
C GLY A 164 -22.48 -5.06 2.98
N PRO A 165 -22.27 -6.36 3.20
CA PRO A 165 -21.04 -7.03 2.82
C PRO A 165 -20.63 -7.05 1.40
N ASP A 166 -21.51 -6.87 0.46
CA ASP A 166 -21.13 -6.89 -0.95
C ASP A 166 -20.52 -5.56 -1.42
N TYR A 167 -20.30 -4.63 -0.48
CA TYR A 167 -19.62 -3.39 -0.95
C TYR A 167 -18.21 -3.69 -1.54
N ILE A 168 -17.61 -4.75 -0.98
CA ILE A 168 -16.24 -5.09 -1.43
C ILE A 168 -16.25 -5.58 -2.88
N GLU A 169 -17.13 -6.48 -3.19
CA GLU A 169 -17.31 -7.00 -4.55
C GLU A 169 -17.63 -5.86 -5.47
N LYS A 170 -18.52 -4.93 -5.04
CA LYS A 170 -18.91 -3.82 -5.92
C LYS A 170 -17.72 -2.93 -6.21
N ALA A 171 -16.89 -2.66 -5.20
CA ALA A 171 -15.68 -1.81 -5.49
C ALA A 171 -14.79 -2.45 -6.54
N PHE A 172 -14.56 -3.76 -6.44
CA PHE A 172 -13.74 -4.42 -7.47
C PHE A 172 -14.44 -4.41 -8.83
N GLU A 173 -15.74 -4.64 -8.87
CA GLU A 173 -16.49 -4.55 -10.18
C GLU A 173 -16.33 -3.16 -10.78
N TYR A 174 -16.51 -2.10 -9.98
CA TYR A 174 -16.40 -0.74 -10.55
C TYR A 174 -15.01 -0.46 -11.04
N ALA A 175 -13.99 -0.88 -10.30
CA ALA A 175 -12.60 -0.59 -10.74
C ALA A 175 -12.26 -1.37 -12.03
N HIS A 176 -12.70 -2.66 -12.07
CA HIS A 176 -12.39 -3.44 -13.27
C HIS A 176 -13.07 -2.90 -14.48
N GLU A 177 -14.29 -2.38 -14.32
CA GLU A 177 -15.02 -1.81 -15.47
C GLU A 177 -14.34 -0.53 -15.89
N ALA A 178 -13.85 0.30 -14.97
CA ALA A 178 -13.23 1.58 -15.33
C ALA A 178 -11.91 1.42 -16.03
N ASP A 179 -11.08 0.51 -15.53
CA ASP A 179 -9.79 0.28 -16.25
C ASP A 179 -9.43 -1.18 -16.11
N PRO A 180 -9.79 -2.03 -17.06
CA PRO A 180 -9.47 -3.45 -16.98
C PRO A 180 -7.98 -3.81 -17.03
N SER A 181 -7.13 -2.88 -17.35
CA SER A 181 -5.67 -3.08 -17.37
C SER A 181 -4.94 -3.02 -16.02
N MET A 182 -5.70 -2.52 -15.07
CA MET A 182 -5.21 -2.42 -13.70
C MET A 182 -5.36 -3.76 -12.95
N LYS A 183 -4.26 -4.07 -12.26
CA LYS A 183 -4.24 -5.14 -11.32
C LYS A 183 -4.97 -4.66 -10.01
N LEU A 184 -5.84 -5.49 -9.52
CA LEU A 184 -6.70 -5.02 -8.40
C LEU A 184 -6.38 -5.80 -7.17
N PHE A 185 -6.03 -5.07 -6.10
CA PHE A 185 -5.65 -5.66 -4.84
C PHE A 185 -6.57 -5.35 -3.67
N ILE A 186 -6.66 -6.29 -2.75
CA ILE A 186 -7.26 -6.02 -1.42
C ILE A 186 -6.06 -5.93 -0.46
N ASN A 187 -5.98 -4.91 0.34
CA ASN A 187 -4.78 -4.65 1.15
C ASN A 187 -5.11 -4.68 2.65
N ASP A 188 -4.21 -5.20 3.47
CA ASP A 188 -4.53 -5.24 4.92
C ASP A 188 -3.26 -5.44 5.71
N TYR A 189 -3.38 -5.17 7.00
CA TYR A 189 -2.30 -5.39 7.95
C TYR A 189 -2.66 -6.49 8.87
N ASN A 190 -1.61 -7.02 9.52
CA ASN A 190 -1.73 -8.13 10.51
C ASN A 190 -2.14 -9.42 9.85
N ILE A 191 -2.14 -9.51 8.54
CA ILE A 191 -2.39 -10.77 7.84
C ILE A 191 -1.09 -11.57 7.57
N GLU A 192 0.01 -11.09 8.09
CA GLU A 192 1.29 -11.84 7.99
C GLU A 192 1.57 -12.67 9.25
N ASN A 193 0.72 -12.63 10.26
CA ASN A 193 0.94 -13.29 11.54
C ASN A 193 0.43 -14.72 11.62
N ASN A 194 -0.18 -15.17 10.55
CA ASN A 194 -0.78 -16.54 10.45
C ASN A 194 -1.78 -16.83 11.58
N GLY A 195 -2.60 -15.84 11.90
CA GLY A 195 -3.63 -15.91 12.94
C GLY A 195 -4.99 -15.87 12.36
N VAL A 196 -5.97 -15.45 13.15
CA VAL A 196 -7.31 -15.43 12.66
C VAL A 196 -7.54 -14.42 11.53
N LYS A 197 -6.77 -13.34 11.53
CA LYS A 197 -6.99 -12.35 10.45
C LYS A 197 -6.45 -12.91 9.11
N THR A 198 -5.31 -13.62 9.14
CA THR A 198 -4.78 -14.27 7.91
C THR A 198 -5.85 -15.22 7.36
N GLN A 199 -6.43 -16.04 8.28
CA GLN A 199 -7.44 -17.01 7.85
C GLN A 199 -8.67 -16.31 7.27
N ALA A 200 -9.07 -15.20 7.88
CA ALA A 200 -10.23 -14.46 7.38
C ALA A 200 -9.95 -13.81 6.04
N MET A 201 -8.75 -13.36 5.79
CA MET A 201 -8.41 -12.83 4.45
C MET A 201 -8.45 -13.96 3.40
N TYR A 202 -7.88 -15.10 3.77
CA TYR A 202 -7.92 -16.24 2.84
C TYR A 202 -9.36 -16.62 2.55
N ASP A 203 -10.19 -16.68 3.59
CA ASP A 203 -11.58 -17.13 3.35
C ASP A 203 -12.37 -16.12 2.50
N LEU A 204 -12.11 -14.81 2.76
CA LEU A 204 -12.85 -13.78 2.05
C LEU A 204 -12.46 -13.81 0.55
N VAL A 205 -11.14 -13.83 0.29
CA VAL A 205 -10.71 -13.85 -1.11
C VAL A 205 -11.11 -15.12 -1.80
N LYS A 206 -11.05 -16.24 -1.12
CA LYS A 206 -11.50 -17.49 -1.76
C LYS A 206 -12.94 -17.35 -2.15
N LYS A 207 -13.76 -16.84 -1.26
CA LYS A 207 -15.19 -16.69 -1.53
C LYS A 207 -15.42 -15.73 -2.69
N LEU A 208 -14.82 -14.57 -2.66
CA LEU A 208 -15.08 -13.63 -3.74
C LEU A 208 -14.54 -14.04 -5.08
N LYS A 209 -13.33 -14.65 -5.13
CA LYS A 209 -12.83 -15.09 -6.39
C LYS A 209 -13.70 -16.22 -6.96
N ASN A 210 -14.17 -17.07 -6.09
CA ASN A 210 -15.08 -18.17 -6.58
C ASN A 210 -16.36 -17.62 -7.13
N GLU A 211 -16.76 -16.42 -6.70
CA GLU A 211 -17.95 -15.76 -7.19
C GLU A 211 -17.67 -14.87 -8.43
N GLY A 212 -16.44 -14.92 -8.95
CA GLY A 212 -16.11 -14.19 -10.17
C GLY A 212 -15.66 -12.74 -9.92
N VAL A 213 -15.42 -12.34 -8.67
CA VAL A 213 -14.99 -10.95 -8.37
C VAL A 213 -13.55 -10.87 -8.92
N PRO A 214 -13.22 -9.79 -9.66
CA PRO A 214 -11.88 -9.66 -10.28
C PRO A 214 -10.73 -9.21 -9.34
N ILE A 215 -10.49 -9.98 -8.34
CA ILE A 215 -9.41 -9.67 -7.36
C ILE A 215 -8.14 -10.35 -7.92
N ASN A 216 -7.15 -9.59 -8.25
CA ASN A 216 -5.90 -10.14 -8.78
C ASN A 216 -4.82 -10.38 -7.76
N GLY A 217 -4.89 -9.70 -6.63
CA GLY A 217 -3.83 -9.84 -5.64
C GLY A 217 -4.24 -9.42 -4.24
N ILE A 218 -3.40 -9.86 -3.31
CA ILE A 218 -3.55 -9.48 -1.91
C ILE A 218 -2.32 -8.66 -1.53
N GLY A 219 -2.56 -7.47 -0.98
CA GLY A 219 -1.52 -6.63 -0.43
C GLY A 219 -1.36 -6.90 1.07
N MET A 220 -0.15 -7.30 1.45
CA MET A 220 0.17 -7.57 2.84
C MET A 220 0.99 -6.35 3.22
N GLN A 221 0.37 -5.49 4.06
CA GLN A 221 1.03 -4.22 4.49
C GLN A 221 2.41 -4.49 5.10
N MET A 222 2.48 -5.52 5.94
CA MET A 222 3.74 -5.86 6.53
C MET A 222 4.30 -4.79 7.47
N HIS A 223 3.40 -4.21 8.29
CA HIS A 223 3.90 -3.32 9.37
C HIS A 223 4.31 -4.33 10.46
N ILE A 224 5.54 -4.80 10.32
CA ILE A 224 6.03 -5.86 11.27
C ILE A 224 6.74 -5.21 12.45
N SER A 225 7.14 -6.04 13.40
CA SER A 225 7.90 -5.49 14.55
C SER A 225 9.19 -6.25 14.72
N ILE A 226 10.02 -5.68 15.60
CA ILE A 226 11.31 -6.31 15.90
C ILE A 226 11.08 -7.67 16.48
N ASN A 227 9.91 -7.98 16.97
CA ASN A 227 9.60 -9.30 17.56
C ASN A 227 8.81 -10.22 16.63
N SER A 228 8.66 -9.82 15.36
CA SER A 228 7.89 -10.66 14.43
C SER A 228 8.56 -12.03 14.17
N ASN A 229 7.71 -13.00 13.88
CA ASN A 229 8.18 -14.37 13.62
C ASN A 229 8.18 -14.67 12.13
N ILE A 230 9.36 -14.92 11.57
CA ILE A 230 9.54 -15.20 10.15
C ILE A 230 8.70 -16.41 9.76
N ASP A 231 8.66 -17.45 10.61
CA ASP A 231 7.88 -18.62 10.27
C ASP A 231 6.39 -18.31 10.03
N ASN A 232 5.84 -17.39 10.82
CA ASN A 232 4.42 -17.01 10.64
C ASN A 232 4.23 -16.25 9.34
N ILE A 233 5.18 -15.41 9.00
CA ILE A 233 5.09 -14.63 7.74
C ILE A 233 5.18 -15.56 6.55
N LYS A 234 6.10 -16.54 6.60
CA LYS A 234 6.21 -17.49 5.51
C LYS A 234 4.89 -18.30 5.31
N ALA A 235 4.33 -18.80 6.43
CA ALA A 235 3.12 -19.57 6.33
C ALA A 235 1.97 -18.71 5.76
N SER A 236 1.96 -17.41 6.17
CA SER A 236 0.88 -16.51 5.69
C SER A 236 1.00 -16.23 4.20
N ILE A 237 2.23 -15.93 3.73
CA ILE A 237 2.39 -15.71 2.33
C ILE A 237 1.95 -16.94 1.48
N GLU A 238 2.39 -18.12 1.93
CA GLU A 238 2.07 -19.32 1.18
C GLU A 238 0.58 -19.65 1.19
N LYS A 239 -0.05 -19.41 2.37
CA LYS A 239 -1.49 -19.69 2.44
C LYS A 239 -2.31 -18.77 1.53
N LEU A 240 -1.96 -17.46 1.60
CA LEU A 240 -2.69 -16.49 0.79
C LEU A 240 -2.41 -16.72 -0.71
N ALA A 241 -1.15 -17.05 -1.02
CA ALA A 241 -0.81 -17.24 -2.44
C ALA A 241 -1.44 -18.50 -3.04
N SER A 242 -1.86 -19.41 -2.16
CA SER A 242 -2.53 -20.64 -2.66
C SER A 242 -3.84 -20.38 -3.33
N LEU A 243 -4.39 -19.16 -3.20
CA LEU A 243 -5.61 -18.77 -3.87
C LEU A 243 -5.37 -18.43 -5.34
N GLY A 244 -4.10 -18.44 -5.78
CA GLY A 244 -3.84 -18.10 -7.20
C GLY A 244 -3.92 -16.63 -7.46
N VAL A 245 -3.50 -15.87 -6.48
CA VAL A 245 -3.42 -14.37 -6.57
C VAL A 245 -2.00 -13.93 -6.36
N GLU A 246 -1.65 -12.74 -6.87
CA GLU A 246 -0.33 -12.17 -6.64
C GLU A 246 -0.28 -11.70 -5.18
N ILE A 247 0.92 -11.71 -4.61
CA ILE A 247 1.14 -11.11 -3.31
C ILE A 247 2.03 -9.91 -3.50
N GLN A 248 1.63 -8.78 -2.89
CA GLN A 248 2.58 -7.62 -2.84
C GLN A 248 2.74 -7.24 -1.40
N VAL A 249 3.99 -6.91 -1.01
CA VAL A 249 4.33 -6.36 0.35
C VAL A 249 4.21 -4.88 0.12
N THR A 250 3.24 -4.25 0.79
CA THR A 250 2.85 -2.93 0.39
C THR A 250 3.24 -1.75 1.24
N GLU A 251 3.49 -1.99 2.52
CA GLU A 251 3.76 -0.85 3.47
C GLU A 251 4.79 -1.29 4.49
N LEU A 252 5.87 -1.90 4.00
CA LEU A 252 6.85 -2.51 4.90
C LEU A 252 7.58 -1.47 5.76
N ASP A 253 7.55 -1.80 7.07
CA ASP A 253 8.44 -1.07 8.05
C ASP A 253 8.47 -1.95 9.26
N MET A 254 9.43 -1.59 10.18
CA MET A 254 9.61 -2.41 11.36
C MET A 254 9.49 -1.59 12.65
N ASN A 255 8.49 -1.87 13.42
CA ASN A 255 8.24 -1.17 14.67
C ASN A 255 9.22 -1.72 15.71
N MET A 256 10.03 -0.78 16.25
CA MET A 256 11.07 -1.16 17.26
C MET A 256 10.56 -1.15 18.67
N ASN A 257 9.29 -0.86 18.90
CA ASN A 257 8.75 -0.92 20.26
C ASN A 257 9.56 0.05 21.21
N GLY A 258 9.97 1.18 20.71
CA GLY A 258 10.69 2.17 21.57
C GLY A 258 12.19 1.90 21.74
N ASP A 259 12.71 0.76 21.28
CA ASP A 259 14.14 0.43 21.49
C ASP A 259 14.89 0.67 20.20
N VAL A 260 15.57 1.80 20.13
CA VAL A 260 16.37 2.23 18.99
C VAL A 260 17.88 2.19 19.27
N SER A 261 18.20 1.35 20.27
CA SER A 261 19.61 1.21 20.68
C SER A 261 20.46 0.57 19.56
N ASN A 262 21.78 0.67 19.66
CA ASN A 262 22.62 0.04 18.66
C ASN A 262 22.41 -1.48 18.63
N ASP A 263 22.20 -2.13 19.76
CA ASP A 263 21.93 -3.57 19.79
C ASP A 263 20.63 -3.86 19.01
N ALA A 264 19.60 -3.03 19.22
CA ALA A 264 18.35 -3.25 18.52
C ALA A 264 18.52 -3.04 17.03
N LEU A 265 19.32 -2.14 16.57
CA LEU A 265 19.60 -1.91 15.14
C LEU A 265 20.20 -3.19 14.48
N LEU A 266 21.05 -3.90 15.26
CA LEU A 266 21.71 -5.16 14.84
C LEU A 266 20.68 -6.24 14.75
N LYS A 267 19.78 -6.27 15.72
CA LYS A 267 18.72 -7.28 15.72
C LYS A 267 17.80 -6.98 14.49
N GLN A 268 17.53 -5.72 14.26
CA GLN A 268 16.69 -5.31 13.11
C GLN A 268 17.36 -5.76 11.84
N ALA A 269 18.67 -5.61 11.75
CA ALA A 269 19.42 -6.01 10.52
C ALA A 269 19.31 -7.51 10.29
N ARG A 270 19.45 -8.32 11.32
CA ARG A 270 19.31 -9.76 11.13
C ARG A 270 17.88 -10.11 10.69
N LEU A 271 16.87 -9.47 11.28
CA LEU A 271 15.48 -9.80 10.94
C LEU A 271 15.15 -9.35 9.52
N TYR A 272 15.58 -8.17 9.13
CA TYR A 272 15.32 -7.72 7.75
C TYR A 272 16.05 -8.66 6.75
N LYS A 273 17.23 -9.14 7.12
CA LYS A 273 17.94 -10.04 6.19
C LYS A 273 17.15 -11.32 6.03
N GLN A 274 16.66 -11.86 7.11
CA GLN A 274 15.84 -13.05 7.05
C GLN A 274 14.54 -12.80 6.26
N LEU A 275 13.96 -11.60 6.43
CA LEU A 275 12.70 -11.28 5.76
C LEU A 275 12.94 -11.23 4.24
N PHE A 276 13.97 -10.55 3.80
CA PHE A 276 14.26 -10.50 2.36
C PHE A 276 14.70 -11.84 1.81
N ASP A 277 15.37 -12.67 2.61
CA ASP A 277 15.70 -14.01 2.09
C ASP A 277 14.36 -14.75 1.87
N LEU A 278 13.38 -14.58 2.78
CA LEU A 278 12.08 -15.22 2.62
C LEU A 278 11.38 -14.68 1.39
N PHE A 279 11.42 -13.36 1.17
CA PHE A 279 10.75 -12.82 -0.01
C PHE A 279 11.36 -13.39 -1.29
N LYS A 280 12.71 -13.51 -1.31
CA LYS A 280 13.35 -14.10 -2.52
C LYS A 280 12.90 -15.55 -2.69
N ALA A 281 12.75 -16.30 -1.59
CA ALA A 281 12.32 -17.69 -1.62
C ALA A 281 10.89 -17.82 -2.02
N GLU A 282 10.10 -16.73 -2.02
CA GLU A 282 8.73 -16.74 -2.43
C GLU A 282 8.51 -15.90 -3.69
N LYS A 283 9.56 -15.76 -4.51
CA LYS A 283 9.51 -14.96 -5.68
C LYS A 283 8.50 -15.41 -6.73
N GLN A 284 8.03 -16.66 -6.65
CA GLN A 284 7.01 -17.11 -7.60
C GLN A 284 5.63 -16.52 -7.25
N TYR A 285 5.52 -15.93 -6.07
CA TYR A 285 4.23 -15.31 -5.63
C TYR A 285 4.33 -13.82 -5.49
N ILE A 286 5.44 -13.31 -5.02
CA ILE A 286 5.58 -11.88 -4.71
C ILE A 286 5.92 -11.06 -5.92
N THR A 287 5.20 -10.00 -6.18
CA THR A 287 5.42 -9.19 -7.40
C THR A 287 5.84 -7.74 -7.13
N ALA A 288 5.99 -7.36 -5.85
CA ALA A 288 6.48 -6.02 -5.46
C ALA A 288 6.72 -6.02 -3.96
N VAL A 289 7.73 -5.23 -3.54
CA VAL A 289 7.95 -4.98 -2.10
C VAL A 289 8.15 -3.48 -2.00
N VAL A 290 7.29 -2.84 -1.19
CA VAL A 290 7.31 -1.40 -1.01
C VAL A 290 7.48 -1.08 0.46
N PHE A 291 8.38 -0.14 0.74
CA PHE A 291 8.62 0.38 2.07
C PHE A 291 7.76 1.62 2.36
N TRP A 292 7.24 1.66 3.58
CA TRP A 292 6.34 2.76 3.95
C TRP A 292 7.12 3.97 4.48
N GLY A 293 7.78 4.62 3.57
CA GLY A 293 8.60 5.84 3.90
C GLY A 293 10.02 5.69 3.41
N VAL A 294 10.61 6.84 3.08
CA VAL A 294 11.95 6.81 2.52
C VAL A 294 13.09 6.70 3.54
N SER A 295 12.86 7.27 4.73
CA SER A 295 13.89 7.26 5.77
C SER A 295 13.22 7.45 7.08
N ASP A 296 13.93 7.09 8.18
CA ASP A 296 13.30 7.06 9.49
C ASP A 296 12.74 8.39 9.96
N ASP A 297 13.35 9.50 9.54
CA ASP A 297 12.85 10.82 9.99
C ASP A 297 11.48 11.17 9.41
N VAL A 298 11.04 10.45 8.36
CA VAL A 298 9.72 10.76 7.73
C VAL A 298 8.80 9.60 7.89
N SER A 299 9.08 8.70 8.81
CA SER A 299 8.13 7.57 9.05
C SER A 299 6.87 8.02 9.76
N TRP A 300 5.76 7.41 9.38
CA TRP A 300 4.47 7.68 10.00
C TRP A 300 4.39 7.21 11.42
N LEU A 301 5.28 6.35 11.88
CA LEU A 301 5.23 5.81 13.26
C LEU A 301 5.65 6.92 14.27
N SER A 302 5.04 6.92 15.43
CA SER A 302 5.46 7.95 16.40
C SER A 302 6.84 7.61 16.94
N LYS A 303 7.43 8.64 17.51
CA LYS A 303 8.80 8.61 18.04
C LYS A 303 8.84 8.10 19.47
N PRO A 304 9.91 7.46 19.88
CA PRO A 304 11.09 7.16 19.06
C PRO A 304 10.85 5.87 18.18
N ASN A 305 11.48 5.89 17.05
CA ASN A 305 11.45 4.73 16.16
C ASN A 305 12.68 4.74 15.25
N ALA A 306 12.83 3.61 14.52
CA ALA A 306 13.91 3.52 13.52
C ALA A 306 13.42 2.35 12.66
N PRO A 307 12.40 2.59 11.84
CA PRO A 307 11.78 1.48 11.09
C PRO A 307 12.23 1.05 9.75
N LEU A 308 13.14 1.81 9.14
CA LEU A 308 13.43 1.61 7.71
C LEU A 308 14.88 1.28 7.48
N LEU A 309 15.32 1.32 6.22
CA LEU A 309 16.71 0.98 5.93
C LEU A 309 17.63 2.18 5.96
N PHE A 310 17.09 3.34 5.94
CA PHE A 310 17.86 4.60 5.96
C PHE A 310 17.45 5.34 7.19
N ASP A 311 18.45 5.85 7.97
CA ASP A 311 18.22 6.45 9.26
C ASP A 311 17.78 7.91 9.16
N SER A 312 17.60 8.52 10.28
CA SER A 312 17.19 9.93 10.38
C SER A 312 18.07 10.98 9.77
N LYS A 313 19.29 10.60 9.46
CA LYS A 313 20.29 11.41 8.75
C LYS A 313 20.44 10.95 7.34
N LEU A 314 19.51 10.06 6.92
CA LEU A 314 19.47 9.54 5.56
C LEU A 314 20.62 8.64 5.15
N GLN A 315 21.28 8.05 6.17
CA GLN A 315 22.40 7.16 5.93
C GLN A 315 21.92 5.70 5.96
N ALA A 316 22.59 4.85 5.21
CA ALA A 316 22.25 3.42 5.19
C ALA A 316 22.48 2.78 6.52
N LYS A 317 21.54 2.04 7.04
CA LYS A 317 21.62 1.39 8.35
C LYS A 317 22.18 -0.01 8.27
N PRO A 318 22.43 -0.69 9.40
CA PRO A 318 22.96 -2.07 9.37
C PRO A 318 22.04 -2.94 8.54
N ALA A 319 20.71 -2.68 8.60
CA ALA A 319 19.79 -3.51 7.85
C ALA A 319 19.97 -3.37 6.33
N TYR A 320 20.37 -2.21 5.85
CA TYR A 320 20.62 -2.01 4.45
C TYR A 320 21.79 -2.90 4.04
N TRP A 321 22.87 -2.83 4.82
CA TRP A 321 24.04 -3.63 4.40
C TRP A 321 23.77 -5.10 4.55
N ALA A 322 22.95 -5.50 5.47
CA ALA A 322 22.62 -6.92 5.65
C ALA A 322 21.91 -7.45 4.41
N ILE A 323 21.08 -6.63 3.83
CA ILE A 323 20.26 -7.01 2.66
C ILE A 323 21.01 -6.96 1.36
N VAL A 324 21.89 -6.00 1.19
CA VAL A 324 22.61 -5.87 -0.07
C VAL A 324 23.85 -6.75 -0.09
#